data_5F1R
#
_entry.id   5F1R
#
_cell.length_a   56.340
_cell.length_b   80.970
_cell.length_c   62.340
_cell.angle_alpha   90.00
_cell.angle_beta   112.54
_cell.angle_gamma   90.00
#
_symmetry.space_group_name_H-M   'P 1 21 1'
#
loop_
_entity.id
_entity.type
_entity.pdbx_description
1 polymer 'Listeriolysin regulatory protein'
2 non-polymer '(3~{R})-8-cyclopropyl-7-(naphthalen-1-ylmethyl)-5-oxidanylidene-2,3-dihydro-[1,3]thiazolo[3,2-a]pyridine-3-carboxylic acid'
3 water water
#
_entity_poly.entity_id   1
_entity_poly.type   'polypeptide(L)'
_entity_poly.pdbx_seq_one_letter_code
;MNAQAEEFKKYLETNGIKPKQFHKKELIFNQWDPQEYCIFLYDGITKLTSISENGTIMNLQYYKGAFVIMSGFIDTETSV
GYYNLEVISEQATAYVIKINELKELLSKNLTHFFYVFQTLQKQVSYSLAKFNDFSINGKLGSICGQLLILTYVYGKETPD
GIKITLDNLTMQELGYSSGIAHSSAVSRIISKLKQEKVIVYKNSCFYVQNLDYLKRYAPKLDEWFYLACPATWGKLN
;
_entity_poly.pdbx_strand_id   A,B
#
loop_
_chem_comp.id
_chem_comp.type
_chem_comp.name
_chem_comp.formula
42O non-polymer '(3~{R})-8-cyclopropyl-7-(naphthalen-1-ylmethyl)-5-oxidanylidene-2,3-dihydro-[1,3]thiazolo[3,2-a]pyridine-3-carboxylic acid' 'C22 H19 N O3 S'
#
# COMPACT_ATOMS: atom_id res chain seq x y z
N ASN A 2 2.64 4.97 -22.96
CA ASN A 2 3.53 4.72 -21.82
C ASN A 2 4.91 4.34 -22.29
N ALA A 3 5.85 5.30 -22.20
CA ALA A 3 7.14 5.15 -22.85
C ALA A 3 8.06 4.18 -22.11
N GLN A 4 8.07 4.25 -20.77
CA GLN A 4 8.92 3.36 -19.98
C GLN A 4 8.47 1.91 -20.13
N ALA A 5 7.15 1.72 -20.26
CA ALA A 5 6.60 0.38 -20.33
C ALA A 5 7.01 -0.28 -21.64
N GLU A 6 6.80 0.41 -22.77
CA GLU A 6 7.24 -0.12 -24.07
C GLU A 6 8.73 -0.41 -24.03
N GLU A 7 9.51 0.47 -23.44
CA GLU A 7 10.94 0.20 -23.34
C GLU A 7 11.21 -1.02 -22.48
N PHE A 8 10.40 -1.26 -21.45
CA PHE A 8 10.67 -2.42 -20.61
C PHE A 8 10.31 -3.72 -21.32
N LYS A 9 9.23 -3.69 -22.11
CA LYS A 9 8.87 -4.81 -22.97
C LYS A 9 10.02 -5.19 -23.89
N LYS A 10 10.53 -4.21 -24.64
CA LYS A 10 11.58 -4.50 -25.62
C LYS A 10 12.81 -4.99 -24.89
N TYR A 11 13.06 -4.49 -23.70
CA TYR A 11 14.18 -5.04 -22.95
C TYR A 11 13.92 -6.49 -22.56
N LEU A 12 12.68 -6.84 -22.14
CA LEU A 12 12.47 -8.25 -21.72
C LEU A 12 12.54 -9.22 -22.89
N GLU A 13 11.93 -8.84 -23.99
CA GLU A 13 11.96 -9.63 -25.20
C GLU A 13 13.38 -9.79 -25.74
N THR A 14 14.18 -8.75 -25.64
CA THR A 14 15.56 -8.81 -26.07
C THR A 14 16.26 -9.84 -25.24
N ASN A 15 15.92 -9.93 -23.98
CA ASN A 15 16.58 -10.87 -23.11
C ASN A 15 15.86 -12.19 -23.15
N GLY A 16 15.01 -12.36 -24.16
CA GLY A 16 14.44 -13.66 -24.44
C GLY A 16 13.23 -14.03 -23.67
N ILE A 17 12.59 -13.06 -23.06
CA ILE A 17 11.42 -13.38 -22.27
C ILE A 17 10.19 -13.23 -23.15
N LYS A 18 9.34 -14.22 -23.11
CA LYS A 18 8.27 -14.49 -24.06
C LYS A 18 6.93 -14.02 -23.51
N PRO A 19 6.07 -13.42 -24.30
CA PRO A 19 4.77 -13.02 -23.78
C PRO A 19 3.77 -14.16 -23.83
N LYS A 20 3.04 -14.31 -22.74
CA LYS A 20 2.06 -15.36 -22.56
C LYS A 20 0.69 -14.71 -22.59
N GLN A 21 -0.21 -15.34 -23.31
CA GLN A 21 -1.59 -14.89 -23.36
C GLN A 21 -2.30 -15.59 -22.22
N PHE A 22 -3.30 -14.92 -21.62
CA PHE A 22 -4.19 -15.58 -20.68
C PHE A 22 -5.64 -15.15 -20.95
N HIS A 23 -6.52 -15.95 -20.36
CA HIS A 23 -7.94 -15.80 -20.51
C HIS A 23 -8.59 -15.52 -19.20
N LYS A 24 -9.77 -14.96 -19.28
CA LYS A 24 -10.47 -14.55 -18.09
C LYS A 24 -10.65 -15.73 -17.16
N LYS A 25 -10.44 -15.47 -15.88
CA LYS A 25 -10.58 -16.42 -14.81
C LYS A 25 -9.35 -17.27 -14.64
N GLU A 26 -8.39 -17.11 -15.54
CA GLU A 26 -7.11 -17.76 -15.41
C GLU A 26 -6.29 -17.10 -14.34
N LEU A 27 -5.46 -17.86 -13.68
CA LEU A 27 -4.62 -17.34 -12.63
C LEU A 27 -3.18 -17.29 -13.11
N ILE A 28 -2.60 -16.09 -13.15
CA ILE A 28 -1.23 -15.93 -13.62
C ILE A 28 -0.26 -16.46 -12.58
N PHE A 29 -0.57 -16.27 -11.32
CA PHE A 29 0.01 -17.07 -10.26
C PHE A 29 -1.03 -17.18 -9.17
N ASN A 30 -0.84 -18.18 -8.32
CA ASN A 30 -1.79 -18.42 -7.25
C ASN A 30 -0.96 -18.55 -6.00
N GLN A 31 -1.69 -18.59 -4.92
CA GLN A 31 -1.16 -18.36 -3.60
C GLN A 31 -0.47 -19.58 -2.99
N TRP A 32 -0.49 -20.75 -3.65
CA TRP A 32 0.27 -21.90 -3.14
C TRP A 32 1.58 -22.09 -3.88
N ASP A 33 1.79 -21.34 -4.96
CA ASP A 33 2.98 -21.54 -5.79
C ASP A 33 4.24 -21.27 -4.97
N PRO A 34 5.19 -22.21 -4.89
CA PRO A 34 6.47 -21.91 -4.23
C PRO A 34 7.47 -21.20 -5.13
N GLN A 35 7.18 -21.02 -6.41
CA GLN A 35 7.97 -20.14 -7.26
C GLN A 35 7.45 -18.69 -7.19
N GLU A 36 8.27 -17.80 -6.63
CA GLU A 36 7.97 -16.37 -6.62
C GLU A 36 8.27 -15.73 -7.98
N TYR A 37 7.31 -14.96 -8.49
CA TYR A 37 7.41 -14.41 -9.84
C TYR A 37 7.45 -12.89 -9.82
N CYS A 38 7.88 -12.35 -10.93
CA CYS A 38 7.62 -10.98 -11.23
C CYS A 38 6.85 -10.93 -12.49
N ILE A 39 5.65 -10.39 -12.43
CA ILE A 39 4.75 -10.33 -13.57
C ILE A 39 4.77 -8.93 -14.15
N PHE A 40 5.16 -8.79 -15.42
CA PHE A 40 4.99 -7.52 -16.11
C PHE A 40 3.72 -7.67 -16.90
N LEU A 41 2.64 -7.10 -16.36
CA LEU A 41 1.33 -7.17 -16.97
C LEU A 41 1.37 -6.09 -18.03
N TYR A 42 1.36 -6.51 -19.29
CA TYR A 42 1.53 -5.57 -20.37
C TYR A 42 0.18 -5.13 -20.88
N ASP A 43 -0.79 -6.02 -20.87
CA ASP A 43 -2.09 -5.71 -21.41
C ASP A 43 -3.10 -6.55 -20.65
N GLY A 44 -4.20 -5.94 -20.25
CA GLY A 44 -5.28 -6.66 -19.61
C GLY A 44 -5.64 -6.05 -18.27
N ILE A 45 -6.61 -6.66 -17.63
CA ILE A 45 -7.04 -6.26 -16.30
C ILE A 45 -7.10 -7.49 -15.42
N THR A 46 -6.63 -7.32 -14.20
CA THR A 46 -6.48 -8.40 -13.27
C THR A 46 -6.92 -7.98 -11.88
N LYS A 47 -7.10 -8.99 -11.03
CA LYS A 47 -7.32 -8.76 -9.62
C LYS A 47 -6.43 -9.67 -8.80
N LEU A 48 -5.92 -9.08 -7.74
CA LEU A 48 -5.22 -9.77 -6.68
C LEU A 48 -6.26 -10.21 -5.66
N THR A 49 -6.37 -11.52 -5.42
CA THR A 49 -7.31 -12.06 -4.45
C THR A 49 -6.57 -12.87 -3.39
N SER A 50 -7.27 -13.10 -2.29
CA SER A 50 -6.76 -13.99 -1.27
C SER A 50 -7.86 -14.96 -0.86
N ILE A 51 -7.42 -16.15 -0.51
CA ILE A 51 -8.30 -17.24 -0.14
C ILE A 51 -8.00 -17.58 1.30
N SER A 52 -8.96 -17.35 2.18
CA SER A 52 -8.77 -17.73 3.56
C SER A 52 -9.02 -19.23 3.74
N GLU A 53 -8.73 -19.72 4.95
CA GLU A 53 -8.66 -21.16 5.23
C GLU A 53 -9.98 -21.92 4.98
N ASN A 54 -11.13 -21.27 5.14
CA ASN A 54 -12.44 -21.82 4.85
C ASN A 54 -12.85 -21.59 3.40
N GLY A 55 -12.00 -21.00 2.60
CA GLY A 55 -12.24 -20.86 1.18
C GLY A 55 -12.92 -19.59 0.73
N THR A 56 -13.27 -18.65 1.62
CA THR A 56 -13.90 -17.45 1.09
C THR A 56 -12.87 -16.52 0.42
N ILE A 57 -13.23 -16.08 -0.78
CA ILE A 57 -12.37 -15.26 -1.65
C ILE A 57 -12.53 -13.79 -1.29
N MET A 58 -11.41 -13.09 -1.08
CA MET A 58 -11.41 -11.65 -0.85
C MET A 58 -10.67 -10.95 -1.98
N ASN A 59 -11.30 -9.98 -2.63
CA ASN A 59 -10.65 -9.18 -3.65
C ASN A 59 -9.87 -8.06 -3.05
N LEU A 60 -8.59 -7.99 -3.31
CA LEU A 60 -7.75 -7.02 -2.65
C LEU A 60 -7.40 -5.82 -3.46
N GLN A 61 -7.09 -6.03 -4.72
CA GLN A 61 -6.56 -4.99 -5.52
C GLN A 61 -6.70 -5.32 -6.97
N TYR A 62 -6.84 -4.31 -7.81
CA TYR A 62 -6.99 -4.50 -9.23
C TYR A 62 -5.79 -3.94 -9.92
N TYR A 63 -5.33 -4.59 -10.98
CA TYR A 63 -4.24 -4.06 -11.75
C TYR A 63 -4.55 -4.03 -13.23
N LYS A 64 -3.85 -3.16 -13.93
CA LYS A 64 -4.04 -2.91 -15.33
C LYS A 64 -2.70 -2.82 -16.04
N GLY A 65 -2.62 -3.34 -17.25
CA GLY A 65 -1.41 -3.18 -18.04
C GLY A 65 -1.26 -1.75 -18.55
N ALA A 66 -0.05 -1.20 -18.55
CA ALA A 66 1.18 -1.88 -18.20
C ALA A 66 1.49 -1.69 -16.74
N PHE A 67 2.02 -2.72 -16.09
CA PHE A 67 2.35 -2.61 -14.68
C PHE A 67 3.14 -3.83 -14.26
N VAL A 68 3.85 -3.71 -13.14
CA VAL A 68 4.59 -4.80 -12.55
C VAL A 68 3.90 -5.22 -11.25
N ILE A 69 3.74 -6.54 -11.05
CA ILE A 69 3.27 -7.16 -9.82
C ILE A 69 4.28 -8.23 -9.43
N MET A 70 4.77 -8.18 -8.18
CA MET A 70 5.70 -9.15 -7.64
C MET A 70 5.16 -9.97 -6.47
N SER A 71 5.32 -11.30 -6.55
CA SER A 71 4.92 -12.21 -5.46
C SER A 71 6.05 -12.53 -4.50
N GLY A 72 7.29 -12.13 -4.81
CA GLY A 72 8.38 -12.29 -3.86
C GLY A 72 9.22 -11.06 -3.67
N PHE A 73 9.91 -11.08 -2.55
CA PHE A 73 10.83 -10.01 -2.23
C PHE A 73 12.03 -10.11 -3.15
N ILE A 74 12.54 -8.95 -3.60
CA ILE A 74 13.54 -9.00 -4.69
C ILE A 74 14.85 -9.56 -4.20
N ASP A 75 15.22 -9.35 -2.96
CA ASP A 75 16.48 -9.93 -2.55
C ASP A 75 16.36 -11.34 -2.02
N THR A 76 15.48 -11.54 -1.05
CA THR A 76 15.29 -12.85 -0.44
C THR A 76 14.69 -13.92 -1.34
N GLU A 77 13.72 -13.53 -2.14
CA GLU A 77 12.96 -14.46 -2.95
C GLU A 77 12.23 -15.38 -1.99
N THR A 78 11.64 -14.76 -0.99
CA THR A 78 10.49 -15.19 -0.22
C THR A 78 9.19 -14.57 -0.72
N SER A 79 8.08 -15.23 -0.45
CA SER A 79 6.79 -14.69 -0.78
C SER A 79 6.64 -13.37 -0.08
N VAL A 80 5.98 -12.42 -0.75
CA VAL A 80 5.67 -11.18 -0.07
C VAL A 80 4.37 -11.32 0.70
N GLY A 81 3.59 -12.34 0.41
CA GLY A 81 2.25 -12.52 0.88
C GLY A 81 1.61 -13.53 -0.06
N TYR A 82 0.69 -14.35 0.43
CA TYR A 82 0.13 -15.41 -0.39
C TYR A 82 -1.10 -14.90 -1.12
N TYR A 83 -0.98 -14.75 -2.43
CA TYR A 83 -2.05 -14.13 -3.18
C TYR A 83 -2.24 -14.86 -4.50
N ASN A 84 -3.39 -14.64 -5.09
CA ASN A 84 -3.63 -15.01 -6.46
C ASN A 84 -3.76 -13.75 -7.33
N LEU A 85 -3.29 -13.84 -8.56
CA LEU A 85 -3.52 -12.81 -9.57
C LEU A 85 -4.37 -13.41 -10.69
N GLU A 86 -5.60 -12.95 -10.80
CA GLU A 86 -6.58 -13.49 -11.73
C GLU A 86 -6.90 -12.48 -12.83
N VAL A 87 -7.09 -12.98 -14.05
CA VAL A 87 -7.44 -12.16 -15.21
C VAL A 87 -8.95 -11.97 -15.21
N ILE A 88 -9.40 -10.74 -15.41
CA ILE A 88 -10.83 -10.45 -15.41
C ILE A 88 -11.29 -9.76 -16.69
N SER A 89 -10.39 -9.23 -17.49
CA SER A 89 -10.71 -8.91 -18.86
C SER A 89 -10.79 -10.21 -19.66
N GLU A 90 -11.26 -10.11 -20.91
CA GLU A 90 -11.39 -11.30 -21.75
C GLU A 90 -9.99 -11.88 -21.97
N GLN A 91 -9.01 -11.05 -22.28
CA GLN A 91 -7.66 -11.53 -22.44
C GLN A 91 -6.71 -10.64 -21.65
N ALA A 92 -5.50 -11.14 -21.48
CA ALA A 92 -4.42 -10.41 -20.86
C ALA A 92 -3.12 -10.96 -21.40
N THR A 93 -2.13 -10.09 -21.52
CA THR A 93 -0.80 -10.47 -21.94
C THR A 93 0.18 -10.10 -20.85
N ALA A 94 0.99 -11.05 -20.43
CA ALA A 94 1.92 -10.83 -19.33
C ALA A 94 3.20 -11.57 -19.61
N TYR A 95 4.30 -10.96 -19.19
CA TYR A 95 5.62 -11.55 -19.22
C TYR A 95 5.89 -12.04 -17.81
N VAL A 96 6.08 -13.33 -17.66
CA VAL A 96 6.30 -13.91 -16.35
C VAL A 96 7.79 -14.17 -16.19
N ILE A 97 8.32 -13.71 -15.08
CA ILE A 97 9.73 -13.66 -14.81
C ILE A 97 9.89 -14.28 -13.44
N LYS A 98 10.76 -15.25 -13.30
CA LYS A 98 11.05 -15.75 -11.98
C LYS A 98 11.78 -14.68 -11.21
N ILE A 99 11.52 -14.62 -9.91
CA ILE A 99 11.99 -13.49 -9.11
C ILE A 99 13.50 -13.26 -9.32
N ASN A 100 14.29 -14.33 -9.27
CA ASN A 100 15.74 -14.16 -9.28
C ASN A 100 16.25 -13.67 -10.62
N GLU A 101 15.69 -14.18 -11.72
CA GLU A 101 15.97 -13.62 -13.03
C GLU A 101 15.78 -12.10 -13.05
N LEU A 102 14.71 -11.59 -12.41
CA LEU A 102 14.46 -10.15 -12.33
C LEU A 102 15.65 -9.41 -11.74
N LYS A 103 16.14 -9.86 -10.58
CA LYS A 103 17.25 -9.19 -9.93
C LYS A 103 18.37 -8.94 -10.92
N GLU A 104 18.71 -9.96 -11.70
CA GLU A 104 19.76 -9.84 -12.68
C GLU A 104 19.37 -8.83 -13.75
N LEU A 105 18.15 -8.95 -14.29
CA LEU A 105 17.74 -8.07 -15.38
C LEU A 105 17.86 -6.60 -15.00
N LEU A 106 17.51 -6.27 -13.76
CA LEU A 106 17.45 -4.89 -13.27
C LEU A 106 18.83 -4.37 -12.91
N SER A 107 19.66 -5.29 -12.48
CA SER A 107 20.98 -4.97 -12.04
C SER A 107 21.75 -4.44 -13.22
N LYS A 108 21.47 -4.98 -14.38
CA LYS A 108 22.19 -4.59 -15.56
C LYS A 108 21.53 -3.45 -16.31
N ASN A 109 20.42 -2.92 -15.82
CA ASN A 109 19.87 -1.72 -16.40
C ASN A 109 19.10 -0.84 -15.44
N LEU A 110 19.75 0.21 -14.98
CA LEU A 110 19.25 1.08 -13.94
C LEU A 110 17.97 1.77 -14.33
N THR A 111 17.85 2.10 -15.60
CA THR A 111 16.65 2.79 -16.07
C THR A 111 15.41 1.95 -15.83
N HIS A 112 15.51 0.68 -16.17
CA HIS A 112 14.43 -0.24 -15.95
C HIS A 112 14.21 -0.46 -14.49
N PHE A 113 15.28 -0.47 -13.73
CA PHE A 113 15.22 -0.66 -12.29
C PHE A 113 14.44 0.48 -11.64
N PHE A 114 14.75 1.70 -12.04
CA PHE A 114 13.97 2.85 -11.60
C PHE A 114 12.51 2.69 -11.99
N TYR A 115 12.24 2.18 -13.20
CA TYR A 115 10.85 2.08 -13.63
C TYR A 115 10.10 1.11 -12.73
N VAL A 116 10.68 -0.05 -12.48
CA VAL A 116 10.02 -1.02 -11.61
C VAL A 116 9.79 -0.43 -10.24
N PHE A 117 10.79 0.29 -9.78
CA PHE A 117 10.76 0.89 -8.45
C PHE A 117 9.61 1.86 -8.37
N GLN A 118 9.40 2.61 -9.42
CA GLN A 118 8.31 3.56 -9.48
C GLN A 118 6.96 2.88 -9.35
N THR A 119 6.82 1.68 -9.92
CA THR A 119 5.52 1.02 -9.89
C THR A 119 5.15 0.64 -8.46
N LEU A 120 6.13 0.27 -7.65
CA LEU A 120 5.91 0.11 -6.23
C LEU A 120 5.46 1.43 -5.58
N GLN A 121 6.11 2.51 -5.94
CA GLN A 121 5.80 3.78 -5.34
C GLN A 121 4.40 4.18 -5.65
N LYS A 122 3.97 3.97 -6.87
CA LYS A 122 2.55 4.19 -7.16
C LYS A 122 1.58 3.30 -6.33
N GLN A 123 1.95 2.04 -5.99
CA GLN A 123 1.00 1.27 -5.17
C GLN A 123 0.94 1.85 -3.77
N VAL A 124 2.08 2.24 -3.21
CA VAL A 124 2.12 2.79 -1.88
C VAL A 124 1.30 4.07 -1.79
N SER A 125 1.53 5.02 -2.71
CA SER A 125 0.78 6.25 -2.71
C SER A 125 -0.68 6.00 -3.00
N TYR A 126 -0.97 4.98 -3.83
CA TYR A 126 -2.37 4.63 -4.08
C TYR A 126 -3.08 4.07 -2.85
N SER A 127 -2.40 3.28 -2.02
CA SER A 127 -3.16 2.79 -0.87
C SER A 127 -3.28 3.83 0.21
N LEU A 128 -2.31 4.73 0.37
CA LEU A 128 -2.49 5.86 1.27
C LEU A 128 -3.72 6.65 0.87
N ALA A 129 -3.84 6.97 -0.41
CA ALA A 129 -4.96 7.79 -0.84
C ALA A 129 -6.28 7.05 -0.66
N LYS A 130 -6.26 5.75 -0.77
CA LYS A 130 -7.48 4.97 -0.72
C LYS A 130 -7.93 4.83 0.72
N PHE A 131 -6.97 4.76 1.63
CA PHE A 131 -7.26 4.75 3.04
C PHE A 131 -7.80 6.11 3.51
N ASN A 132 -7.19 7.20 3.04
CA ASN A 132 -7.67 8.56 3.30
C ASN A 132 -9.14 8.72 3.00
N ASP A 133 -9.56 8.31 1.81
CA ASP A 133 -10.92 8.50 1.35
C ASP A 133 -11.90 7.58 2.06
N PHE A 134 -11.45 6.42 2.47
CA PHE A 134 -12.21 5.58 3.37
C PHE A 134 -12.38 6.22 4.72
N SER A 135 -11.34 6.84 5.20
CA SER A 135 -11.37 7.45 6.50
C SER A 135 -12.40 8.54 6.59
N ILE A 136 -12.54 9.30 5.53
CA ILE A 136 -13.48 10.39 5.53
C ILE A 136 -14.90 10.00 5.17
N ASN A 137 -15.06 9.29 4.08
CA ASN A 137 -16.37 9.01 3.55
C ASN A 137 -16.79 7.58 3.62
N GLY A 138 -16.08 6.77 4.39
CA GLY A 138 -16.46 5.35 4.52
C GLY A 138 -16.47 4.65 3.17
N LYS A 139 -17.42 3.73 3.03
CA LYS A 139 -17.57 3.02 1.76
C LYS A 139 -17.88 4.00 0.63
N LEU A 140 -18.50 5.14 0.93
CA LEU A 140 -18.79 6.10 -0.12
C LEU A 140 -17.48 6.60 -0.71
N GLY A 141 -16.49 6.82 0.14
CA GLY A 141 -15.18 7.17 -0.37
C GLY A 141 -14.68 6.11 -1.36
N SER A 142 -14.86 4.82 -1.01
CA SER A 142 -14.29 3.70 -1.80
C SER A 142 -15.00 3.52 -3.14
N ILE A 143 -16.33 3.52 -3.14
CA ILE A 143 -17.06 3.43 -4.40
C ILE A 143 -16.70 4.59 -5.31
N CYS A 144 -16.81 5.82 -4.80
CA CYS A 144 -16.46 6.98 -5.64
C CYS A 144 -15.03 6.86 -6.15
N GLY A 145 -14.10 6.44 -5.28
CA GLY A 145 -12.71 6.33 -5.68
C GLY A 145 -12.53 5.40 -6.84
N GLN A 146 -13.13 4.22 -6.77
CA GLN A 146 -13.07 3.26 -7.86
C GLN A 146 -13.79 3.78 -9.10
N LEU A 147 -14.96 4.42 -8.94
CA LEU A 147 -15.63 5.00 -10.10
C LEU A 147 -14.80 6.11 -10.77
N LEU A 148 -14.13 6.93 -9.96
CA LEU A 148 -13.32 8.04 -10.48
C LEU A 148 -12.18 7.52 -11.34
N ILE A 149 -11.44 6.54 -10.83
CA ILE A 149 -10.34 6.02 -11.61
C ILE A 149 -10.86 5.36 -12.87
N LEU A 150 -11.94 4.58 -12.77
CA LEU A 150 -12.52 3.97 -13.98
C LEU A 150 -12.83 5.02 -15.03
N THR A 151 -13.27 6.19 -14.57
CA THR A 151 -13.66 7.26 -15.46
C THR A 151 -12.43 7.89 -16.09
N TYR A 152 -11.46 8.25 -15.27
CA TYR A 152 -10.24 8.81 -15.83
C TYR A 152 -9.60 7.87 -16.83
N VAL A 153 -9.62 6.58 -16.55
CA VAL A 153 -8.92 5.59 -17.38
C VAL A 153 -9.74 5.13 -18.58
N TYR A 154 -11.07 5.02 -18.45
CA TYR A 154 -11.87 4.50 -19.56
C TYR A 154 -12.96 5.45 -20.01
N GLY A 155 -12.91 6.71 -19.60
CA GLY A 155 -13.97 7.64 -19.92
C GLY A 155 -13.76 8.40 -21.21
N LYS A 156 -14.68 8.25 -22.14
CA LYS A 156 -14.71 9.06 -23.34
C LYS A 156 -15.73 10.17 -23.18
N GLU A 157 -15.24 11.41 -23.16
CA GLU A 157 -16.09 12.56 -23.34
C GLU A 157 -16.99 12.36 -24.55
N THR A 158 -18.29 12.53 -24.32
CA THR A 158 -19.30 12.50 -25.37
C THR A 158 -20.42 13.41 -24.89
N PRO A 159 -21.20 13.98 -25.80
CA PRO A 159 -22.32 14.83 -25.36
C PRO A 159 -23.21 14.12 -24.35
N ASP A 160 -23.18 12.78 -24.39
CA ASP A 160 -23.92 11.93 -23.46
C ASP A 160 -23.39 12.03 -22.03
N GLY A 161 -22.23 12.63 -21.82
CA GLY A 161 -21.50 12.56 -20.58
C GLY A 161 -20.15 11.89 -20.80
N ILE A 162 -19.71 11.13 -19.79
CA ILE A 162 -18.49 10.35 -19.89
C ILE A 162 -18.90 8.89 -19.93
N LYS A 163 -18.69 8.26 -21.07
CA LYS A 163 -18.99 6.85 -21.21
C LYS A 163 -17.83 6.03 -20.66
N ILE A 164 -18.14 5.07 -19.79
CA ILE A 164 -17.12 4.18 -19.24
C ILE A 164 -16.99 3.00 -20.21
N THR A 165 -15.90 3.00 -20.97
CA THR A 165 -15.76 2.10 -22.11
C THR A 165 -15.26 0.75 -21.62
N LEU A 166 -16.20 -0.06 -21.15
CA LEU A 166 -15.87 -1.43 -20.77
C LEU A 166 -17.09 -2.31 -21.02
N ASP A 167 -16.93 -3.31 -21.89
CA ASP A 167 -17.99 -4.30 -22.07
C ASP A 167 -18.48 -4.77 -20.70
N ASN A 168 -19.78 -5.10 -20.62
CA ASN A 168 -20.40 -5.19 -19.30
C ASN A 168 -19.76 -6.27 -18.45
N LEU A 169 -19.30 -7.36 -19.07
CA LEU A 169 -18.77 -8.48 -18.27
C LEU A 169 -17.64 -8.01 -17.39
N THR A 170 -16.77 -7.16 -17.91
CA THR A 170 -15.71 -6.58 -17.10
C THR A 170 -16.28 -5.71 -15.97
N MET A 171 -17.30 -4.91 -16.28
CA MET A 171 -17.96 -4.11 -15.26
C MET A 171 -18.61 -4.98 -14.18
N GLN A 172 -19.17 -6.13 -14.55
CA GLN A 172 -19.70 -7.02 -13.52
C GLN A 172 -18.58 -7.63 -12.67
N GLU A 173 -17.41 -7.90 -13.26
CA GLU A 173 -16.29 -8.41 -12.49
C GLU A 173 -15.73 -7.37 -11.52
N LEU A 174 -15.99 -6.08 -11.79
CA LEU A 174 -15.63 -5.00 -10.88
C LEU A 174 -16.79 -4.58 -9.96
N GLY A 175 -18.04 -4.95 -10.29
CA GLY A 175 -19.25 -4.44 -9.66
C GLY A 175 -19.98 -3.44 -10.55
N SER A 183 -24.03 -5.74 -1.85
CA SER A 183 -24.18 -5.52 -0.42
C SER A 183 -25.25 -4.47 -0.14
N SER A 184 -25.68 -4.39 1.11
CA SER A 184 -26.71 -3.42 1.51
C SER A 184 -26.26 -2.01 1.20
N ALA A 185 -25.26 -1.53 1.95
CA ALA A 185 -24.74 -0.18 1.75
C ALA A 185 -24.51 0.10 0.26
N VAL A 186 -23.85 -0.84 -0.40
CA VAL A 186 -23.55 -0.69 -1.82
C VAL A 186 -24.81 -0.38 -2.62
N SER A 187 -25.72 -1.35 -2.70
CA SER A 187 -26.97 -1.17 -3.42
C SER A 187 -27.62 0.16 -3.08
N ARG A 188 -27.62 0.50 -1.79
CA ARG A 188 -28.20 1.75 -1.32
C ARG A 188 -27.39 2.97 -1.73
N ILE A 189 -26.09 2.79 -1.84
CA ILE A 189 -25.21 3.84 -2.29
C ILE A 189 -25.24 3.94 -3.80
N ILE A 190 -24.97 2.85 -4.48
CA ILE A 190 -25.02 2.85 -5.93
C ILE A 190 -26.40 3.38 -6.34
N SER A 191 -27.36 3.15 -5.47
CA SER A 191 -28.68 3.69 -5.66
C SER A 191 -28.51 5.18 -5.70
N LYS A 192 -28.03 5.68 -4.58
CA LYS A 192 -28.02 7.09 -4.33
C LYS A 192 -27.42 7.78 -5.52
N LEU A 193 -26.36 7.22 -6.07
CA LEU A 193 -25.65 7.84 -7.18
C LEU A 193 -26.45 7.87 -8.45
N LYS A 194 -27.15 6.79 -8.71
CA LYS A 194 -28.00 6.71 -9.89
C LYS A 194 -29.07 7.74 -9.71
N GLN A 195 -29.54 7.83 -8.49
CA GLN A 195 -30.61 8.72 -8.12
C GLN A 195 -30.17 10.13 -8.35
N GLU A 196 -28.90 10.36 -8.07
CA GLU A 196 -28.30 11.66 -8.12
C GLU A 196 -27.61 11.89 -9.45
N LYS A 197 -27.73 10.95 -10.37
CA LYS A 197 -27.29 11.22 -11.72
C LYS A 197 -25.79 11.35 -11.86
N VAL A 198 -25.05 10.83 -10.89
CA VAL A 198 -23.62 10.78 -11.06
C VAL A 198 -23.22 9.80 -12.14
N ILE A 199 -23.79 8.61 -12.08
CA ILE A 199 -23.63 7.61 -13.12
C ILE A 199 -24.99 7.34 -13.72
N VAL A 200 -25.01 6.85 -14.96
CA VAL A 200 -26.23 6.30 -15.53
C VAL A 200 -25.92 5.07 -16.37
N TYR A 201 -26.82 4.11 -16.24
CA TYR A 201 -26.84 2.98 -17.14
C TYR A 201 -27.79 3.38 -18.25
N LYS A 202 -27.21 3.78 -19.35
CA LYS A 202 -27.98 4.20 -20.49
C LYS A 202 -27.35 3.57 -21.66
N ASN A 203 -28.16 3.13 -22.61
CA ASN A 203 -27.60 2.62 -23.83
C ASN A 203 -26.70 1.46 -23.47
N SER A 204 -27.00 0.81 -22.36
CA SER A 204 -26.23 -0.32 -21.91
C SER A 204 -24.77 -0.15 -21.43
N CYS A 205 -24.40 1.03 -20.94
CA CYS A 205 -23.04 1.21 -20.38
C CYS A 205 -23.23 2.00 -19.08
N PHE A 206 -22.30 2.13 -18.14
CA PHE A 206 -22.42 3.33 -17.32
C PHE A 206 -21.93 4.56 -18.09
N TYR A 207 -22.64 5.67 -17.89
CA TYR A 207 -22.21 6.98 -18.34
C TYR A 207 -22.15 7.87 -17.10
N VAL A 208 -21.07 8.62 -16.94
CA VAL A 208 -20.87 9.40 -15.73
C VAL A 208 -21.08 10.90 -15.97
N GLN A 209 -21.93 11.50 -15.14
CA GLN A 209 -22.23 12.92 -15.26
C GLN A 209 -21.59 13.82 -14.20
N ASN A 210 -21.79 13.52 -12.92
CA ASN A 210 -21.27 14.37 -11.88
C ASN A 210 -19.90 13.95 -11.43
N LEU A 211 -18.93 14.18 -12.29
CA LEU A 211 -17.56 13.81 -12.02
C LEU A 211 -17.18 14.56 -10.81
N ASP A 212 -17.81 15.70 -10.62
CA ASP A 212 -17.48 16.53 -9.48
C ASP A 212 -17.83 15.83 -8.17
N TYR A 213 -18.95 15.14 -8.16
CA TYR A 213 -19.36 14.38 -6.97
C TYR A 213 -18.34 13.29 -6.64
N LEU A 214 -17.92 12.51 -7.66
CA LEU A 214 -16.83 11.54 -7.48
C LEU A 214 -15.62 12.20 -6.84
N LYS A 215 -15.16 13.32 -7.41
CA LYS A 215 -13.99 14.02 -6.89
C LYS A 215 -14.20 14.47 -5.46
N ARG A 216 -15.43 14.86 -5.12
CA ARG A 216 -15.69 15.38 -3.79
C ARG A 216 -15.41 14.29 -2.77
N TYR A 217 -15.98 13.13 -2.95
CA TYR A 217 -15.87 12.12 -1.94
C TYR A 217 -14.65 11.25 -2.06
N ALA A 218 -13.87 11.45 -3.10
CA ALA A 218 -12.62 10.73 -3.22
C ALA A 218 -11.51 11.68 -3.57
N PRO A 219 -11.29 12.67 -2.73
CA PRO A 219 -10.32 13.69 -3.02
C PRO A 219 -8.88 13.25 -3.14
N LYS A 220 -8.41 12.40 -2.25
CA LYS A 220 -7.04 11.99 -2.27
C LYS A 220 -6.69 11.16 -3.49
N LEU A 221 -7.58 10.29 -3.88
CA LEU A 221 -7.42 9.55 -5.11
C LEU A 221 -7.44 10.50 -6.29
N ASP A 222 -8.22 11.56 -6.21
CA ASP A 222 -8.11 12.58 -7.27
C ASP A 222 -6.69 13.11 -7.35
N GLU A 223 -6.15 13.59 -6.22
CA GLU A 223 -4.76 14.04 -6.17
C GLU A 223 -3.80 12.94 -6.63
N TRP A 224 -3.93 11.73 -6.07
CA TRP A 224 -3.01 10.65 -6.44
C TRP A 224 -2.98 10.44 -7.94
N PHE A 225 -4.14 10.41 -8.59
CA PHE A 225 -4.10 10.23 -10.04
C PHE A 225 -3.43 11.43 -10.72
N TYR A 226 -3.74 12.64 -10.28
CA TYR A 226 -3.11 13.83 -10.83
C TYR A 226 -1.58 13.75 -10.80
N LEU A 227 -1.00 13.38 -9.69
CA LEU A 227 0.41 13.15 -9.65
C LEU A 227 0.94 11.93 -10.39
N ALA A 228 0.29 10.80 -10.28
CA ALA A 228 0.71 9.60 -10.99
C ALA A 228 0.49 9.59 -12.48
N CYS A 229 -0.65 10.07 -12.92
CA CYS A 229 -0.98 10.01 -14.33
C CYS A 229 -1.51 11.33 -14.81
N PRO A 230 -0.67 12.33 -14.82
CA PRO A 230 -1.11 13.67 -15.12
C PRO A 230 -1.69 13.82 -16.49
N ALA A 231 -1.08 13.21 -17.47
CA ALA A 231 -1.52 13.41 -18.82
C ALA A 231 -2.93 12.91 -18.93
N THR A 232 -3.21 11.75 -18.36
CA THR A 232 -4.58 11.21 -18.40
C THR A 232 -5.53 12.03 -17.54
N TRP A 233 -5.06 12.52 -16.40
CA TRP A 233 -5.91 13.32 -15.53
C TRP A 233 -6.38 14.59 -16.23
N GLY A 234 -5.59 15.10 -17.18
CA GLY A 234 -5.93 16.35 -17.84
C GLY A 234 -7.09 16.25 -18.80
N LYS A 235 -7.29 15.08 -19.41
CA LYS A 235 -8.23 14.97 -20.52
C LYS A 235 -9.68 15.15 -20.09
N LEU A 236 -10.00 14.90 -18.83
CA LEU A 236 -11.37 15.09 -18.34
C LEU A 236 -11.52 16.30 -17.42
N ASN A 237 -10.46 17.06 -17.23
CA ASN A 237 -10.54 18.24 -16.40
C ASN A 237 -10.18 19.45 -17.27
N ASN B 2 18.51 -3.80 12.68
CA ASN B 2 18.57 -4.67 11.53
C ASN B 2 19.81 -4.47 10.71
N ALA B 3 20.37 -5.55 10.20
CA ALA B 3 21.66 -5.46 9.57
C ALA B 3 21.63 -4.55 8.38
N GLN B 4 20.63 -4.70 7.53
CA GLN B 4 20.58 -3.90 6.34
C GLN B 4 20.42 -2.48 6.74
N ALA B 5 19.77 -2.28 7.87
CA ALA B 5 19.47 -0.92 8.31
C ALA B 5 20.72 -0.19 8.80
N GLU B 6 21.56 -0.84 9.61
CA GLU B 6 22.80 -0.23 10.05
C GLU B 6 23.71 0.08 8.86
N GLU B 7 23.79 -0.85 7.91
CA GLU B 7 24.76 -0.67 6.85
C GLU B 7 24.36 0.46 5.92
N PHE B 8 23.07 0.72 5.79
CA PHE B 8 22.64 1.85 4.98
C PHE B 8 22.88 3.16 5.73
N LYS B 9 22.83 3.12 7.03
CA LYS B 9 23.17 4.28 7.82
C LYS B 9 24.61 4.68 7.61
N LYS B 10 25.49 3.71 7.54
CA LYS B 10 26.91 3.98 7.35
C LYS B 10 27.14 4.56 5.97
N TYR B 11 26.66 3.87 4.94
CA TYR B 11 26.75 4.36 3.58
C TYR B 11 26.28 5.80 3.48
N LEU B 12 25.20 6.13 4.16
CA LEU B 12 24.72 7.51 4.12
C LEU B 12 25.73 8.46 4.75
N GLU B 13 26.41 8.03 5.81
CA GLU B 13 27.35 8.91 6.49
C GLU B 13 28.69 8.94 5.75
N THR B 14 29.08 7.81 5.14
CA THR B 14 30.16 7.82 4.15
C THR B 14 29.96 8.92 3.13
N ASN B 15 28.81 8.95 2.49
CA ASN B 15 28.52 9.96 1.48
C ASN B 15 28.09 11.29 2.03
N GLY B 16 28.27 11.53 3.32
CA GLY B 16 28.10 12.84 3.88
C GLY B 16 26.69 13.22 4.28
N ILE B 17 25.86 12.26 4.66
CA ILE B 17 24.55 12.58 5.19
C ILE B 17 24.66 12.54 6.71
N LYS B 18 24.42 13.70 7.34
CA LYS B 18 24.45 13.66 8.79
C LYS B 18 23.06 13.40 9.36
N PRO B 19 22.98 12.64 10.45
CA PRO B 19 21.71 12.50 11.17
C PRO B 19 21.21 13.85 11.70
N LYS B 20 19.94 14.12 11.46
CA LYS B 20 19.23 15.26 12.03
C LYS B 20 18.28 14.77 13.12
N GLN B 21 18.37 15.36 14.31
CA GLN B 21 17.49 14.98 15.40
C GLN B 21 16.22 15.82 15.37
N PHE B 22 15.10 15.20 15.70
CA PHE B 22 13.82 15.87 15.73
C PHE B 22 13.12 15.57 17.05
N HIS B 23 12.21 16.46 17.47
CA HIS B 23 11.49 16.25 18.72
C HIS B 23 9.99 16.22 18.47
N LYS B 24 9.27 15.61 19.42
CA LYS B 24 7.85 15.36 19.27
C LYS B 24 7.14 16.55 18.64
N LYS B 25 6.27 16.25 17.68
CA LYS B 25 5.38 17.17 16.98
C LYS B 25 6.05 17.96 15.86
N GLU B 26 7.37 17.88 15.67
CA GLU B 26 8.00 18.49 14.48
C GLU B 26 7.56 17.86 13.17
N LEU B 27 7.53 18.68 12.12
CA LEU B 27 7.32 18.24 10.75
C LEU B 27 8.67 18.00 10.09
N ILE B 28 9.05 16.71 9.93
CA ILE B 28 10.23 16.39 9.14
C ILE B 28 10.14 16.95 7.73
N PHE B 29 8.97 16.92 7.11
CA PHE B 29 8.75 17.72 5.91
C PHE B 29 7.26 17.99 5.87
N ASN B 30 6.83 18.92 5.01
CA ASN B 30 5.45 19.35 5.10
C ASN B 30 4.93 19.47 3.68
N GLN B 31 3.62 19.45 3.53
CA GLN B 31 3.10 19.19 2.20
C GLN B 31 3.39 20.31 1.18
N TRP B 32 3.76 21.53 1.58
CA TRP B 32 3.92 22.57 0.56
C TRP B 32 5.35 22.64 0.07
N ASP B 33 6.24 21.94 0.73
CA ASP B 33 7.63 21.93 0.43
C ASP B 33 7.82 21.38 -0.97
N PRO B 34 8.35 22.14 -1.92
CA PRO B 34 8.46 21.62 -3.29
C PRO B 34 9.60 20.64 -3.49
N GLN B 35 10.51 20.54 -2.53
CA GLN B 35 11.62 19.57 -2.53
C GLN B 35 11.19 18.14 -2.16
N GLU B 36 11.15 17.26 -3.15
CA GLU B 36 10.94 15.82 -2.95
C GLU B 36 12.03 15.21 -2.07
N TYR B 37 11.65 14.44 -1.04
CA TYR B 37 12.67 13.84 -0.17
C TYR B 37 12.64 12.32 -0.12
N CYS B 38 13.69 11.80 0.48
CA CYS B 38 13.85 10.43 0.89
C CYS B 38 14.25 10.44 2.36
N ILE B 39 13.30 10.16 3.25
CA ILE B 39 13.58 10.11 4.68
C ILE B 39 13.91 8.68 5.06
N PHE B 40 15.10 8.48 5.57
CA PHE B 40 15.47 7.23 6.20
C PHE B 40 15.35 7.54 7.68
N LEU B 41 14.16 7.19 8.22
CA LEU B 41 13.92 7.16 9.64
C LEU B 41 14.79 6.06 10.21
N TYR B 42 15.60 6.38 11.20
CA TYR B 42 16.46 5.37 11.79
C TYR B 42 16.04 4.98 13.20
N ASP B 43 15.42 5.87 13.93
CA ASP B 43 14.97 5.54 15.27
C ASP B 43 13.93 6.56 15.69
N GLY B 44 12.89 6.07 16.32
CA GLY B 44 11.75 6.89 16.69
C GLY B 44 10.52 6.46 15.92
N ILE B 45 9.46 7.21 16.12
CA ILE B 45 8.14 6.89 15.60
C ILE B 45 7.58 8.15 15.00
N THR B 46 6.96 8.02 13.83
CA THR B 46 6.43 9.18 13.10
C THR B 46 5.12 8.80 12.47
N LYS B 47 4.48 9.77 11.89
CA LYS B 47 3.25 9.48 11.20
C LYS B 47 3.14 10.36 9.98
N LEU B 48 2.66 9.79 8.90
CA LEU B 48 2.35 10.57 7.72
C LEU B 48 0.93 11.09 7.89
N THR B 49 0.71 12.34 7.53
CA THR B 49 -0.61 12.93 7.62
C THR B 49 -0.90 13.69 6.36
N SER B 50 -2.18 13.87 6.14
CA SER B 50 -2.73 14.64 5.05
C SER B 50 -3.66 15.69 5.67
N ILE B 51 -3.92 16.74 4.93
CA ILE B 51 -4.72 17.85 5.38
C ILE B 51 -5.82 18.05 4.35
N SER B 52 -7.02 17.59 4.66
CA SER B 52 -8.12 17.85 3.74
C SER B 52 -8.43 19.34 3.83
N GLU B 53 -9.15 19.83 2.82
CA GLU B 53 -9.26 21.26 2.64
C GLU B 53 -9.84 21.93 3.90
N ASN B 54 -10.94 21.39 4.44
CA ASN B 54 -11.59 22.00 5.58
C ASN B 54 -10.70 22.02 6.82
N GLY B 55 -9.48 21.48 6.73
CA GLY B 55 -8.49 21.60 7.76
C GLY B 55 -8.31 20.39 8.66
N THR B 56 -9.04 19.31 8.46
CA THR B 56 -8.87 18.19 9.36
C THR B 56 -7.65 17.35 8.96
N ILE B 57 -6.87 17.00 9.97
CA ILE B 57 -5.63 16.23 9.85
C ILE B 57 -5.94 14.73 9.87
N MET B 58 -5.82 14.10 8.71
CA MET B 58 -5.97 12.66 8.57
C MET B 58 -4.64 11.97 8.87
N ASN B 59 -4.63 11.09 9.86
CA ASN B 59 -3.51 10.18 10.09
C ASN B 59 -3.58 9.01 9.10
N LEU B 60 -2.59 8.92 8.21
CA LEU B 60 -2.63 7.94 7.13
C LEU B 60 -1.83 6.69 7.43
N GLN B 61 -0.68 6.84 8.07
CA GLN B 61 0.18 5.69 8.34
C GLN B 61 1.12 6.11 9.45
N TYR B 62 1.58 5.13 10.23
CA TYR B 62 2.59 5.31 11.26
C TYR B 62 3.83 4.50 10.90
N TYR B 63 4.99 5.02 11.28
CA TYR B 63 6.25 4.46 10.87
C TYR B 63 7.17 4.37 12.07
N LYS B 64 8.06 3.42 12.00
CA LYS B 64 9.03 3.13 13.05
C LYS B 64 10.41 3.04 12.43
N GLY B 65 11.38 3.69 13.04
CA GLY B 65 12.74 3.49 12.56
C GLY B 65 13.04 2.01 12.70
N ALA B 66 13.82 1.38 11.82
CA ALA B 66 14.44 1.97 10.68
C ALA B 66 13.52 1.76 9.49
N PHE B 67 13.27 2.80 8.70
CA PHE B 67 12.36 2.60 7.59
C PHE B 67 12.60 3.75 6.64
N VAL B 68 12.00 3.65 5.46
CA VAL B 68 12.20 4.62 4.39
C VAL B 68 10.85 5.15 3.96
N ILE B 69 10.77 6.46 3.90
CA ILE B 69 9.60 7.18 3.42
C ILE B 69 10.06 8.07 2.29
N MET B 70 9.29 8.14 1.21
CA MET B 70 9.69 8.96 0.06
C MET B 70 8.60 9.88 -0.41
N SER B 71 8.96 11.10 -0.82
CA SER B 71 7.92 12.01 -1.24
C SER B 71 7.94 12.32 -2.71
N GLY B 72 8.97 11.84 -3.45
CA GLY B 72 8.94 11.87 -4.91
C GLY B 72 9.22 10.51 -5.56
N PHE B 73 8.69 10.34 -6.76
CA PHE B 73 8.96 9.18 -7.58
C PHE B 73 10.42 9.18 -8.01
N ILE B 74 11.11 8.07 -7.79
CA ILE B 74 12.54 8.07 -8.10
C ILE B 74 12.84 8.23 -9.58
N ASP B 75 11.93 7.86 -10.47
CA ASP B 75 12.29 7.99 -11.88
C ASP B 75 12.01 9.39 -12.44
N THR B 76 10.79 9.91 -12.31
CA THR B 76 10.49 11.27 -12.78
C THR B 76 10.88 12.34 -11.77
N GLU B 77 11.09 11.95 -10.51
CA GLU B 77 11.42 12.87 -9.42
C GLU B 77 10.32 13.90 -9.15
N THR B 78 9.08 13.52 -9.34
CA THR B 78 7.95 14.39 -9.09
C THR B 78 7.20 13.91 -7.87
N SER B 79 6.33 14.77 -7.33
CA SER B 79 5.75 14.53 -6.01
C SER B 79 4.93 13.23 -6.01
N VAL B 80 5.01 12.45 -4.94
CA VAL B 80 4.07 11.32 -4.90
C VAL B 80 2.72 11.71 -4.28
N GLY B 81 2.66 12.81 -3.52
CA GLY B 81 1.42 13.27 -2.90
C GLY B 81 1.65 14.47 -2.02
N TYR B 82 0.60 15.03 -1.45
CA TYR B 82 0.76 16.09 -0.49
C TYR B 82 0.57 15.56 0.92
N TYR B 83 1.68 15.46 1.62
CA TYR B 83 1.73 14.80 2.88
C TYR B 83 2.55 15.61 3.82
N ASN B 84 2.33 15.39 5.10
CA ASN B 84 3.19 15.86 6.14
C ASN B 84 3.72 14.65 6.87
N LEU B 85 4.95 14.73 7.28
CA LEU B 85 5.58 13.68 8.06
C LEU B 85 5.89 14.31 9.41
N GLU B 86 5.25 13.78 10.44
CA GLU B 86 5.17 14.38 11.74
C GLU B 86 5.70 13.41 12.80
N VAL B 87 6.51 13.92 13.69
CA VAL B 87 7.02 13.10 14.78
C VAL B 87 5.92 12.95 15.84
N ILE B 88 5.82 11.75 16.41
CA ILE B 88 4.95 11.54 17.56
C ILE B 88 5.66 10.91 18.74
N SER B 89 6.79 10.23 18.55
CA SER B 89 7.68 9.94 19.67
C SER B 89 8.34 11.23 20.18
N GLU B 90 9.07 11.12 21.30
CA GLU B 90 9.67 12.32 21.88
C GLU B 90 10.79 12.85 21.01
N GLN B 91 11.76 11.98 20.67
CA GLN B 91 12.81 12.32 19.72
C GLN B 91 13.04 11.17 18.74
N ALA B 92 13.50 11.52 17.54
CA ALA B 92 13.71 10.54 16.49
C ALA B 92 14.89 10.96 15.62
N THR B 93 15.64 9.97 15.16
CA THR B 93 16.83 10.17 14.33
C THR B 93 16.45 9.87 12.88
N ALA B 94 16.68 10.84 12.00
CA ALA B 94 16.28 10.68 10.59
C ALA B 94 17.29 11.32 9.67
N TYR B 95 17.68 10.60 8.62
CA TYR B 95 18.52 11.14 7.57
C TYR B 95 17.64 11.64 6.42
N VAL B 96 17.80 12.90 6.06
CA VAL B 96 16.95 13.56 5.05
C VAL B 96 17.79 13.78 3.80
N ILE B 97 17.44 13.07 2.73
CA ILE B 97 18.18 13.07 1.48
C ILE B 97 17.27 13.60 0.39
N LYS B 98 17.76 14.58 -0.36
CA LYS B 98 16.96 15.01 -1.49
C LYS B 98 16.89 13.88 -2.50
N ILE B 99 15.83 13.92 -3.31
CA ILE B 99 15.48 12.75 -4.12
C ILE B 99 16.53 12.49 -5.20
N ASN B 100 17.10 13.54 -5.77
CA ASN B 100 18.16 13.37 -6.75
C ASN B 100 19.43 12.79 -6.22
N GLU B 101 19.86 13.22 -5.07
CA GLU B 101 21.01 12.63 -4.40
C GLU B 101 20.76 11.18 -4.01
N LEU B 102 19.52 10.84 -3.66
CA LEU B 102 19.21 9.44 -3.37
C LEU B 102 19.51 8.58 -4.58
N LYS B 103 18.88 8.95 -5.70
CA LYS B 103 19.01 8.23 -6.95
C LYS B 103 20.46 8.01 -7.32
N GLU B 104 21.33 8.91 -6.91
CA GLU B 104 22.74 8.71 -7.23
C GLU B 104 23.36 7.71 -6.28
N LEU B 105 23.10 7.89 -4.98
CA LEU B 105 23.54 6.91 -3.99
C LEU B 105 23.08 5.48 -4.30
N LEU B 106 21.85 5.30 -4.78
CA LEU B 106 21.38 3.93 -5.02
C LEU B 106 21.94 3.40 -6.32
N SER B 107 22.24 4.32 -7.21
CA SER B 107 22.75 3.93 -8.50
C SER B 107 24.17 3.39 -8.41
N LYS B 108 24.90 3.74 -7.37
CA LYS B 108 26.26 3.28 -7.25
C LYS B 108 26.46 2.15 -6.27
N ASN B 109 25.41 1.73 -5.60
CA ASN B 109 25.47 0.54 -4.77
C ASN B 109 24.11 -0.12 -4.77
N LEU B 110 23.97 -1.17 -5.55
CA LEU B 110 22.68 -1.80 -5.69
C LEU B 110 22.22 -2.58 -4.48
N THR B 111 23.13 -3.12 -3.72
CA THR B 111 22.73 -3.68 -2.44
C THR B 111 21.80 -2.74 -1.71
N HIS B 112 22.20 -1.48 -1.62
CA HIS B 112 21.31 -0.56 -0.92
C HIS B 112 20.06 -0.28 -1.72
N PHE B 113 20.14 -0.35 -3.02
CA PHE B 113 18.97 -0.17 -3.86
C PHE B 113 17.96 -1.28 -3.61
N PHE B 114 18.43 -2.50 -3.50
CA PHE B 114 17.58 -3.67 -3.21
C PHE B 114 16.94 -3.58 -1.83
N TYR B 115 17.68 -3.09 -0.82
CA TYR B 115 17.13 -2.85 0.50
C TYR B 115 15.96 -1.86 0.49
N VAL B 116 16.09 -0.75 -0.21
CA VAL B 116 15.02 0.26 -0.24
C VAL B 116 13.84 -0.28 -1.02
N PHE B 117 14.13 -1.04 -2.03
CA PHE B 117 13.11 -1.61 -2.90
C PHE B 117 12.26 -2.61 -2.12
N GLN B 118 12.92 -3.40 -1.31
CA GLN B 118 12.32 -4.43 -0.51
C GLN B 118 11.54 -3.82 0.63
N THR B 119 11.96 -2.63 1.08
CA THR B 119 11.24 -1.90 2.10
C THR B 119 9.88 -1.41 1.60
N LEU B 120 9.81 -0.96 0.36
CA LEU B 120 8.51 -0.55 -0.17
C LEU B 120 7.65 -1.75 -0.43
N GLN B 121 8.25 -2.85 -0.88
CA GLN B 121 7.49 -4.08 -1.03
C GLN B 121 6.87 -4.51 0.30
N LYS B 122 7.59 -4.41 1.42
CA LYS B 122 7.00 -4.77 2.71
C LYS B 122 5.81 -3.87 3.04
N GLN B 123 5.94 -2.59 2.67
CA GLN B 123 4.87 -1.61 2.85
C GLN B 123 3.64 -1.93 2.02
N VAL B 124 3.84 -2.36 0.77
CA VAL B 124 2.71 -2.76 -0.08
C VAL B 124 1.96 -3.93 0.53
N SER B 125 2.65 -5.03 0.83
CA SER B 125 1.91 -6.18 1.32
C SER B 125 1.34 -5.93 2.71
N TYR B 126 2.00 -5.09 3.50
CA TYR B 126 1.53 -4.73 4.82
C TYR B 126 0.14 -4.13 4.73
N SER B 127 -0.10 -3.28 3.74
CA SER B 127 -1.41 -2.64 3.70
C SER B 127 -2.44 -3.53 3.07
N LEU B 128 -2.04 -4.38 2.13
CA LEU B 128 -2.97 -5.43 1.70
C LEU B 128 -3.32 -6.36 2.86
N ALA B 129 -2.36 -6.66 3.74
CA ALA B 129 -2.68 -7.61 4.78
C ALA B 129 -3.69 -6.99 5.73
N LYS B 130 -3.43 -5.75 6.17
CA LYS B 130 -4.38 -5.09 7.02
C LYS B 130 -5.71 -4.94 6.32
N PHE B 131 -5.71 -4.74 5.02
CA PHE B 131 -7.00 -4.62 4.38
C PHE B 131 -7.73 -5.96 4.34
N ASN B 132 -7.00 -7.07 4.14
CA ASN B 132 -7.68 -8.36 4.11
C ASN B 132 -8.38 -8.62 5.47
N ASP B 133 -7.67 -8.33 6.53
CA ASP B 133 -8.18 -8.54 7.86
C ASP B 133 -9.37 -7.67 8.20
N PHE B 134 -9.41 -6.44 7.74
CA PHE B 134 -10.57 -5.59 8.01
C PHE B 134 -11.79 -6.00 7.18
N SER B 135 -11.57 -6.47 5.96
CA SER B 135 -12.67 -6.91 5.13
C SER B 135 -13.26 -8.22 5.64
N ILE B 136 -12.45 -9.03 6.29
CA ILE B 136 -12.92 -10.33 6.74
C ILE B 136 -13.58 -10.26 8.12
N ASN B 137 -13.06 -9.40 9.01
CA ASN B 137 -13.39 -9.42 10.44
C ASN B 137 -13.65 -8.02 10.98
N GLY B 138 -13.82 -7.02 10.12
CA GLY B 138 -14.26 -5.71 10.62
C GLY B 138 -13.27 -5.13 11.62
N LYS B 139 -13.80 -4.26 12.47
CA LYS B 139 -13.01 -3.61 13.51
C LYS B 139 -12.26 -4.60 14.36
N LEU B 140 -12.79 -5.81 14.52
CA LEU B 140 -12.10 -6.80 15.34
C LEU B 140 -10.80 -7.17 14.67
N GLY B 141 -10.81 -7.16 13.34
CA GLY B 141 -9.59 -7.37 12.56
C GLY B 141 -8.62 -6.22 12.72
N SER B 142 -9.10 -4.97 12.63
CA SER B 142 -8.21 -3.84 12.84
C SER B 142 -7.60 -3.93 14.23
N ILE B 143 -8.46 -3.85 15.24
CA ILE B 143 -8.01 -3.81 16.63
C ILE B 143 -7.04 -4.94 16.89
N CYS B 144 -7.44 -6.17 16.53
CA CYS B 144 -6.54 -7.30 16.71
C CYS B 144 -5.25 -7.13 15.91
N GLY B 145 -5.28 -6.36 14.82
CA GLY B 145 -4.06 -6.13 14.08
C GLY B 145 -3.16 -5.13 14.78
N GLN B 146 -3.77 -4.05 15.29
CA GLN B 146 -3.00 -3.02 15.99
C GLN B 146 -2.28 -3.62 17.18
N LEU B 147 -2.91 -4.55 17.88
CA LEU B 147 -2.32 -5.09 19.10
C LEU B 147 -1.30 -6.15 18.80
N LEU B 148 -1.49 -6.83 17.69
CA LEU B 148 -0.53 -7.81 17.22
C LEU B 148 0.75 -7.14 16.86
N ILE B 149 0.60 -5.99 16.23
CA ILE B 149 1.74 -5.21 15.84
C ILE B 149 2.50 -4.78 17.08
N LEU B 150 1.78 -4.29 18.06
CA LEU B 150 2.41 -3.78 19.24
C LEU B 150 3.13 -4.90 19.87
N THR B 151 2.52 -6.05 19.83
CA THR B 151 3.10 -7.20 20.45
C THR B 151 4.40 -7.63 19.83
N TYR B 152 4.46 -7.79 18.51
CA TYR B 152 5.71 -8.24 17.91
C TYR B 152 6.81 -7.22 18.11
N VAL B 153 6.52 -5.94 17.91
CA VAL B 153 7.60 -4.98 17.91
C VAL B 153 7.97 -4.57 19.34
N TYR B 154 6.99 -4.36 20.21
CA TYR B 154 7.26 -3.94 21.59
C TYR B 154 6.90 -5.00 22.62
N GLY B 155 6.62 -6.23 22.20
CA GLY B 155 6.26 -7.25 23.16
C GLY B 155 7.47 -7.86 23.82
N LYS B 156 7.67 -7.51 25.09
CA LYS B 156 8.67 -8.14 25.92
C LYS B 156 7.98 -9.09 26.87
N GLU B 157 8.37 -10.35 26.79
CA GLU B 157 7.74 -11.42 27.52
C GLU B 157 7.92 -11.22 29.02
N THR B 158 6.83 -11.36 29.75
CA THR B 158 6.86 -11.16 31.19
C THR B 158 6.03 -12.23 31.82
N PRO B 159 6.19 -12.42 33.11
CA PRO B 159 5.36 -13.40 33.80
C PRO B 159 3.96 -12.92 33.69
N ASP B 160 3.78 -11.61 33.81
CA ASP B 160 2.49 -11.01 33.61
C ASP B 160 2.06 -11.21 32.16
N GLY B 161 2.91 -11.81 31.34
CA GLY B 161 2.54 -12.11 29.97
C GLY B 161 3.48 -11.59 28.90
N ILE B 162 3.01 -10.63 28.13
CA ILE B 162 3.84 -9.97 27.11
C ILE B 162 3.62 -8.47 27.23
N LYS B 163 4.55 -7.77 27.86
CA LYS B 163 4.39 -6.35 28.09
C LYS B 163 4.55 -5.54 26.83
N ILE B 164 3.86 -4.43 26.79
CA ILE B 164 3.99 -3.51 25.68
C ILE B 164 4.82 -2.34 26.15
N THR B 165 6.05 -2.32 25.68
CA THR B 165 7.05 -1.43 26.21
C THR B 165 6.98 -0.08 25.52
N LEU B 166 5.97 0.70 25.88
CA LEU B 166 5.92 2.07 25.41
C LEU B 166 5.54 3.06 26.49
N ASP B 167 6.29 4.13 26.64
CA ASP B 167 5.79 5.23 27.43
C ASP B 167 4.35 5.47 27.10
N ASN B 168 3.53 5.56 28.13
CA ASN B 168 2.09 5.52 28.03
C ASN B 168 1.49 6.87 27.68
N LEU B 169 2.33 7.82 27.29
CA LEU B 169 1.86 9.01 26.58
C LEU B 169 1.92 8.79 25.08
N THR B 170 2.87 7.99 24.61
CA THR B 170 2.88 7.58 23.22
C THR B 170 1.68 6.69 22.90
N MET B 171 1.53 5.60 23.64
CA MET B 171 0.28 4.83 23.63
C MET B 171 -0.90 5.78 23.54
N GLN B 172 -0.95 6.69 24.50
CA GLN B 172 -2.05 7.62 24.60
C GLN B 172 -2.11 8.55 23.41
N GLU B 173 -1.01 8.69 22.65
CA GLU B 173 -1.06 9.55 21.47
C GLU B 173 -1.89 8.90 20.37
N LEU B 174 -1.74 7.60 20.15
CA LEU B 174 -2.59 6.91 19.18
C LEU B 174 -3.83 6.28 19.83
N GLY B 175 -3.89 6.27 21.16
CA GLY B 175 -4.99 5.65 21.86
C GLY B 175 -4.55 4.63 22.89
N SER B 183 -13.90 5.95 21.14
CA SER B 183 -14.97 5.58 20.22
C SER B 183 -15.95 4.54 20.81
N SER B 184 -17.10 4.43 20.17
CA SER B 184 -18.19 3.59 20.67
C SER B 184 -17.93 2.13 20.32
N ALA B 185 -17.82 1.82 19.02
CA ALA B 185 -17.57 0.45 18.59
C ALA B 185 -16.24 -0.07 19.12
N VAL B 186 -15.22 0.79 19.18
CA VAL B 186 -13.91 0.35 19.64
C VAL B 186 -13.98 -0.17 21.08
N SER B 187 -14.64 0.60 21.94
CA SER B 187 -14.71 0.22 23.35
C SER B 187 -15.46 -1.11 23.53
N ARG B 188 -16.55 -1.32 22.81
CA ARG B 188 -17.18 -2.65 22.89
C ARG B 188 -16.16 -3.73 22.61
N ILE B 189 -15.21 -3.48 21.66
CA ILE B 189 -14.24 -4.53 21.35
C ILE B 189 -13.22 -4.68 22.45
N ILE B 190 -12.70 -3.58 22.96
CA ILE B 190 -11.65 -3.71 23.95
C ILE B 190 -12.26 -4.10 25.28
N SER B 191 -13.44 -3.55 25.57
CA SER B 191 -14.25 -4.07 26.66
C SER B 191 -14.20 -5.59 26.65
N LYS B 192 -14.57 -6.25 25.54
CA LYS B 192 -14.53 -7.71 25.57
C LYS B 192 -13.13 -8.28 25.73
N LEU B 193 -12.12 -7.70 25.06
CA LEU B 193 -10.79 -8.33 25.14
C LEU B 193 -10.22 -8.22 26.53
N LYS B 194 -10.54 -7.14 27.22
CA LYS B 194 -10.15 -7.02 28.61
C LYS B 194 -10.91 -8.03 29.49
N GLN B 195 -12.22 -8.19 29.26
CA GLN B 195 -12.98 -9.14 30.08
C GLN B 195 -12.50 -10.60 29.96
N GLU B 196 -12.25 -11.06 28.73
CA GLU B 196 -11.74 -12.40 28.49
C GLU B 196 -10.27 -12.52 28.75
N LYS B 197 -9.62 -11.44 29.19
CA LYS B 197 -8.24 -11.53 29.65
C LYS B 197 -7.34 -11.92 28.48
N VAL B 198 -7.59 -11.31 27.33
CA VAL B 198 -6.61 -11.37 26.26
C VAL B 198 -5.57 -10.27 26.47
N ILE B 199 -5.98 -9.12 27.02
CA ILE B 199 -5.06 -8.04 27.38
C ILE B 199 -5.41 -7.55 28.78
N VAL B 200 -4.41 -7.15 29.55
CA VAL B 200 -4.59 -6.72 30.94
C VAL B 200 -3.89 -5.37 31.11
N TYR B 201 -4.61 -4.39 31.60
CA TYR B 201 -4.03 -3.10 31.83
C TYR B 201 -3.81 -2.96 33.31
N LYS B 202 -2.55 -3.02 33.73
CA LYS B 202 -2.18 -2.86 35.13
C LYS B 202 -0.90 -2.06 35.23
N ASN B 203 -0.78 -1.27 36.31
CA ASN B 203 0.40 -0.45 36.50
C ASN B 203 0.56 0.50 35.32
N SER B 204 -0.57 0.93 34.77
CA SER B 204 -0.59 1.82 33.64
C SER B 204 0.19 1.25 32.48
N CYS B 205 0.14 -0.05 32.28
CA CYS B 205 0.72 -0.64 31.09
C CYS B 205 -0.16 -1.75 30.54
N PHE B 206 -0.19 -1.88 29.22
CA PHE B 206 -0.84 -3.00 28.55
C PHE B 206 0.00 -4.27 28.67
N TYR B 207 -0.66 -5.42 28.81
CA TYR B 207 0.02 -6.71 28.76
C TYR B 207 -0.80 -7.62 27.87
N VAL B 208 -0.18 -8.64 27.30
CA VAL B 208 -0.92 -9.55 26.44
C VAL B 208 -0.67 -10.96 26.92
N GLN B 209 -1.74 -11.76 27.03
CA GLN B 209 -1.64 -13.14 27.47
C GLN B 209 -2.33 -14.19 26.62
N ASN B 210 -3.04 -13.79 25.57
CA ASN B 210 -3.52 -14.78 24.57
C ASN B 210 -3.10 -14.26 23.19
N LEU B 211 -1.84 -14.55 22.82
CA LEU B 211 -1.34 -14.20 21.49
C LEU B 211 -2.17 -14.87 20.40
N ASP B 212 -2.67 -16.10 20.65
CA ASP B 212 -3.34 -16.88 19.61
C ASP B 212 -4.74 -16.35 19.28
N TYR B 213 -5.39 -15.62 20.18
CA TYR B 213 -6.66 -15.00 19.85
C TYR B 213 -6.44 -13.90 18.81
N LEU B 214 -5.46 -13.04 19.06
CA LEU B 214 -5.09 -12.02 18.07
C LEU B 214 -4.82 -12.65 16.70
N LYS B 215 -3.97 -13.69 16.65
CA LYS B 215 -3.67 -14.31 15.37
C LYS B 215 -4.93 -14.83 14.65
N ARG B 216 -6.01 -15.15 15.36
CA ARG B 216 -7.22 -15.62 14.67
C ARG B 216 -7.92 -14.53 13.90
N TYR B 217 -8.08 -13.36 14.50
CA TYR B 217 -8.88 -12.36 13.84
C TYR B 217 -8.04 -11.41 12.99
N ALA B 218 -6.75 -11.71 12.80
CA ALA B 218 -5.83 -10.92 11.98
C ALA B 218 -4.84 -11.88 11.34
N PRO B 219 -5.33 -12.90 10.66
CA PRO B 219 -4.43 -13.89 10.11
C PRO B 219 -3.58 -13.37 8.97
N LYS B 220 -3.99 -12.34 8.25
CA LYS B 220 -3.11 -11.86 7.19
C LYS B 220 -1.94 -11.06 7.73
N LEU B 221 -2.16 -10.19 8.73
CA LEU B 221 -1.01 -9.55 9.34
C LEU B 221 -0.05 -10.53 9.96
N ASP B 222 -0.58 -11.51 10.70
CA ASP B 222 0.30 -12.51 11.30
C ASP B 222 1.15 -13.15 10.24
N GLU B 223 0.51 -13.58 9.15
CA GLU B 223 1.20 -14.15 8.02
C GLU B 223 2.23 -13.17 7.44
N TRP B 224 1.92 -11.86 7.47
CA TRP B 224 2.82 -10.87 6.93
C TRP B 224 4.05 -10.70 7.83
N PHE B 225 3.87 -10.72 9.15
CA PHE B 225 5.04 -10.65 10.02
C PHE B 225 5.95 -11.80 9.76
N TYR B 226 5.39 -12.95 9.48
CA TYR B 226 6.20 -14.14 9.28
C TYR B 226 7.05 -14.00 8.02
N LEU B 227 6.46 -13.58 6.90
CA LEU B 227 7.19 -13.50 5.63
C LEU B 227 8.08 -12.26 5.52
N ALA B 228 7.71 -11.18 6.17
CA ALA B 228 8.48 -9.97 6.07
C ALA B 228 9.39 -9.66 7.25
N CYS B 229 9.04 -10.10 8.44
CA CYS B 229 9.88 -9.92 9.58
C CYS B 229 9.97 -11.22 10.35
N PRO B 230 10.53 -12.22 9.76
CA PRO B 230 10.57 -13.51 10.43
C PRO B 230 11.31 -13.43 11.74
N ALA B 231 12.37 -12.66 11.79
CA ALA B 231 13.14 -12.66 13.01
C ALA B 231 12.27 -12.23 14.14
N THR B 232 11.53 -11.16 13.94
CA THR B 232 10.65 -10.69 14.99
C THR B 232 9.58 -11.69 15.27
N TRP B 233 9.05 -12.30 14.22
CA TRP B 233 7.95 -13.22 14.39
C TRP B 233 8.36 -14.43 15.19
N GLY B 234 9.50 -14.97 14.82
CA GLY B 234 9.91 -16.25 15.36
C GLY B 234 10.27 -16.12 16.81
N LYS B 235 10.64 -14.91 17.21
CA LYS B 235 11.04 -14.68 18.59
C LYS B 235 9.85 -14.95 19.51
N LEU B 236 8.68 -14.62 19.03
CA LEU B 236 7.51 -14.71 19.88
C LEU B 236 6.69 -15.95 19.63
N ASN B 237 7.17 -16.86 18.80
CA ASN B 237 6.41 -18.06 18.56
C ASN B 237 7.17 -19.30 19.03
O01 42O C . -2.03 1.70 -14.33
C02 42O C . -1.37 2.66 -13.88
C04 42O C . -2.09 3.53 -12.85
C05 42O C . -1.09 4.09 -11.86
C07 42O C . -2.58 2.28 -10.83
C08 42O C . -3.37 1.50 -10.02
C09 42O C . -2.89 1.04 -8.63
C10 42O C . -2.91 -0.40 -8.15
C11 42O C . -1.58 0.29 -8.40
C12 42O C . -4.69 1.12 -10.51
C13 42O C . -5.57 0.27 -9.63
C14 42O C . -7.05 0.55 -9.95
C15 42O C . -7.74 1.49 -9.21
C16 42O C . -9.08 1.76 -9.47
C17 42O C . -9.75 1.10 -10.51
C18 42O C . -9.05 0.14 -11.28
C19 42O C . -9.71 -0.54 -12.33
C20 42O C . -9.01 -1.49 -13.08
C21 42O C . -7.67 -1.76 -12.80
O03 42O C . -0.18 2.87 -14.27
S06 42O C . -0.97 2.89 -10.50
C22 42O C . -7.01 -1.09 -11.77
C23 42O C . -7.69 -0.13 -10.99
C24 42O C . -5.09 1.53 -11.72
C25 42O C . -4.30 2.33 -12.59
O26 42O C . -4.64 2.72 -13.68
N27 42O C . -3.04 2.69 -12.10
H041 42O C . -2.50 4.18 -13.47
H052 42O C . -1.43 4.94 -11.51
H051 42O C . -0.21 4.18 -12.28
H091 42O C . -3.08 1.68 -7.91
H101 42O C . -3.17 -1.07 -8.82
H102 42O C . -3.15 -0.52 -7.21
H112 42O C . -1.10 0.02 -9.21
H111 42O C . -1.08 0.55 -7.58
H131 42O C . -5.37 -0.68 -9.80
H132 42O C . -5.38 0.47 -8.69
H151 42O C . -7.28 1.95 -8.48
H161 42O C . -9.55 2.43 -8.94
H171 42O C . -10.69 1.30 -10.70
H191 42O C . -10.65 -0.36 -12.52
H201 42O C . -9.47 -1.96 -13.81
H211 42O C . -7.19 -2.43 -13.34
H221 42O C . -6.07 -1.29 -11.58
H241 42O C . -5.98 1.26 -12.04
O01 42O D . -1.69 0.81 9.86
C02 42O D . -1.53 2.02 9.56
C04 42O D . -2.69 2.67 8.84
C05 42O D . -3.62 3.34 9.85
C07 42O D . -4.64 1.24 8.81
C08 42O D . -5.47 0.28 8.26
C09 42O D . -6.75 -0.18 8.99
C10 42O D . -7.04 -1.62 9.35
C11 42O D . -6.79 -0.60 10.44
C12 42O D . -5.09 -0.29 6.98
C13 42O D . -5.99 -1.34 6.36
C14 42O D . -7.22 -0.66 5.72
C15 42O D . -8.40 -0.60 6.39
C16 42O D . -9.52 0.01 5.83
C17 42O D . -9.45 0.58 4.56
C18 42O D . -8.23 0.54 3.84
C19 42O D . -8.14 1.10 2.54
C20 42O D . -6.93 1.04 1.86
C21 42O D . -5.82 0.43 2.43
O03 42O D . -0.44 2.62 9.85
S06 42O D . -4.84 2.09 10.32
C22 42O D . -5.89 -0.13 3.70
C23 42O D . -7.11 -0.09 4.42
C24 42O D . -3.97 0.13 6.36
C25 42O D . -3.10 1.11 6.90
O26 42O D . -2.07 1.50 6.37
N27 42O D . -3.48 1.64 8.14
H041 42O D . -2.18 3.29 8.25
H052 42O D . -4.08 4.10 9.42
H051 42O D . -3.10 3.60 10.64
H091 42O D . -7.56 0.31 8.72
H101 42O D . -6.32 -2.26 9.19
H102 42O D . -7.99 -1.90 9.25
H112 42O D . -5.92 -0.67 10.89
H111 42O D . -7.58 -0.30 10.95
H131 42O D . -5.49 -1.83 5.67
H132 42O D . -6.29 -1.96 7.06
H151 42O D . -8.46 -1.00 7.29
H161 42O D . -10.36 0.04 6.32
H171 42O D . -10.24 1.01 4.16
H191 42O D . -8.92 1.54 2.14
H201 42O D . -6.86 1.44 0.95
H211 42O D . -4.97 0.40 1.94
H221 42O D . -5.10 -0.56 4.10
H241 42O D . -3.74 -0.27 5.49
#